data_3ZUC
#
_entry.id   3ZUC
#
_cell.length_a   52.697
_cell.length_b   52.697
_cell.length_c   194.159
_cell.angle_alpha   90.00
_cell.angle_beta   90.00
_cell.angle_gamma   120.00
#
_symmetry.space_group_name_H-M   'P 61 2 2'
#
loop_
_entity.id
_entity.type
_entity.pdbx_description
1 polymer 'CELLULOSOMAL SCAFFOLDIN'
2 non-polymer 'CALCIUM ION'
3 non-polymer 1,2-ETHANEDIOL
4 non-polymer 'NICKEL (II) ION'
5 non-polymer 'PENTAETHYLENE GLYCOL'
6 water water
#
_entity_poly.entity_id   1
_entity_poly.type   'polypeptide(L)'
_entity_poly.pdbx_seq_one_letter_code
;GSHMNLKVEFFNAGTQAQSNSIYPKFRLTNTGSNAINLADVKLHYYFTVDGDKAQTFWCDWSPVGSSNVTGTFVKMNPTT
TGADQYLEIAFSSAAGTLAANTSIEVQGRFAKSDWTNYNQADDYSFNSSATTYTSWDKVTAYSAEGLIWGIEP
;
_entity_poly.pdbx_strand_id   A
#
loop_
_chem_comp.id
_chem_comp.type
_chem_comp.name
_chem_comp.formula
1PE non-polymer 'PENTAETHYLENE GLYCOL' 'C10 H22 O6'
CA non-polymer 'CALCIUM ION' 'Ca 2'
EDO non-polymer 1,2-ETHANEDIOL 'C2 H6 O2'
NI non-polymer 'NICKEL (II) ION' 'Ni 2'
#
# COMPACT_ATOMS: atom_id res chain seq x y z
N GLY A 1 12.14 12.88 14.14
CA GLY A 1 11.88 14.29 14.41
C GLY A 1 11.85 15.14 13.15
N SER A 2 12.39 14.56 12.09
CA SER A 2 12.53 15.18 10.78
C SER A 2 13.01 14.12 9.80
N HIS A 3 13.19 12.91 10.30
CA HIS A 3 13.69 11.85 9.45
C HIS A 3 12.61 10.87 9.03
N MET A 4 11.36 11.11 9.42
CA MET A 4 10.29 10.22 8.99
C MET A 4 9.07 11.02 8.53
N ASN A 5 9.39 12.07 7.78
CA ASN A 5 8.36 13.00 7.36
C ASN A 5 7.69 12.51 6.11
N LEU A 6 7.11 11.31 6.19
CA LEU A 6 6.37 10.74 5.08
C LEU A 6 4.89 10.69 5.43
N LYS A 7 4.10 11.54 4.78
N LYS A 7 4.09 11.52 4.75
CA LYS A 7 2.65 11.49 4.91
CA LYS A 7 2.66 11.50 4.91
C LYS A 7 2.15 10.44 3.93
C LYS A 7 2.08 10.52 3.89
N VAL A 8 1.13 9.70 4.34
CA VAL A 8 0.56 8.65 3.52
C VAL A 8 -0.93 8.88 3.37
N GLU A 9 -1.37 9.00 2.12
CA GLU A 9 -2.77 9.06 1.79
C GLU A 9 -3.11 7.84 0.94
N PHE A 10 -4.41 7.51 0.86
CA PHE A 10 -4.81 6.25 0.28
C PHE A 10 -6.24 6.32 -0.21
N PHE A 11 -6.56 5.54 -1.24
CA PHE A 11 -7.93 5.11 -1.52
C PHE A 11 -7.88 3.86 -2.37
N ASN A 12 -9.03 3.21 -2.49
CA ASN A 12 -9.19 2.03 -3.32
C ASN A 12 -9.80 2.41 -4.66
N ALA A 13 -9.16 2.03 -5.77
CA ALA A 13 -9.68 2.44 -7.09
C ALA A 13 -10.93 1.70 -7.50
N GLY A 14 -11.12 0.50 -6.96
CA GLY A 14 -12.29 -0.33 -7.17
C GLY A 14 -12.83 -0.74 -5.81
N THR A 15 -14.12 -0.55 -5.61
CA THR A 15 -14.71 -0.73 -4.30
C THR A 15 -15.85 -1.76 -4.24
N GLN A 16 -15.95 -2.65 -5.21
N GLN A 16 -15.88 -2.67 -5.22
CA GLN A 16 -16.97 -3.66 -5.06
CA GLN A 16 -16.82 -3.82 -5.28
C GLN A 16 -16.58 -4.63 -3.97
C GLN A 16 -16.56 -4.74 -4.05
N ALA A 17 -17.57 -5.07 -3.22
CA ALA A 17 -17.31 -6.00 -2.11
C ALA A 17 -16.80 -7.33 -2.63
N GLN A 18 -17.52 -7.93 -3.56
CA GLN A 18 -17.09 -9.17 -4.17
C GLN A 18 -16.28 -8.80 -5.38
N SER A 19 -14.96 -8.97 -5.31
CA SER A 19 -14.07 -8.44 -6.33
C SER A 19 -12.96 -9.43 -6.62
N ASN A 20 -12.62 -9.62 -7.89
CA ASN A 20 -11.52 -10.50 -8.23
C ASN A 20 -10.15 -9.81 -8.14
N SER A 21 -10.13 -8.54 -7.76
N SER A 21 -10.15 -8.55 -7.73
CA SER A 21 -8.88 -7.81 -7.60
CA SER A 21 -8.91 -7.80 -7.63
C SER A 21 -9.06 -6.78 -6.49
C SER A 21 -9.03 -6.65 -6.64
N ILE A 22 -7.93 -6.39 -5.93
CA ILE A 22 -7.87 -5.29 -4.98
C ILE A 22 -6.96 -4.23 -5.62
N TYR A 23 -7.33 -2.97 -5.44
CA TYR A 23 -6.79 -1.84 -6.22
C TYR A 23 -6.23 -0.72 -5.33
N PRO A 24 -5.15 -0.99 -4.60
CA PRO A 24 -4.63 0.03 -3.71
C PRO A 24 -3.97 1.19 -4.45
N LYS A 25 -4.28 2.41 -4.01
CA LYS A 25 -3.63 3.61 -4.50
C LYS A 25 -3.11 4.42 -3.33
N PHE A 26 -1.80 4.65 -3.30
CA PHE A 26 -1.16 5.42 -2.27
C PHE A 26 -0.63 6.74 -2.84
N ARG A 27 -0.66 7.79 -2.03
CA ARG A 27 0.08 9.01 -2.33
C ARG A 27 0.99 9.28 -1.16
N LEU A 28 2.28 9.37 -1.45
CA LEU A 28 3.31 9.56 -0.44
C LEU A 28 3.87 10.96 -0.59
N THR A 29 3.89 11.73 0.50
CA THR A 29 4.39 13.10 0.48
C THR A 29 5.51 13.26 1.47
N ASN A 30 6.62 13.81 0.99
CA ASN A 30 7.71 14.21 1.88
C ASN A 30 7.38 15.58 2.46
N THR A 31 7.01 15.63 3.73
CA THR A 31 6.58 16.87 4.36
C THR A 31 7.74 17.59 5.04
N GLY A 32 8.94 17.08 4.87
CA GLY A 32 10.10 17.67 5.49
C GLY A 32 11.03 18.33 4.49
N SER A 33 12.20 18.74 4.98
CA SER A 33 13.13 19.50 4.18
C SER A 33 14.27 18.63 3.64
N ASN A 34 14.37 17.38 4.11
CA ASN A 34 15.43 16.50 3.64
C ASN A 34 14.85 15.39 2.78
N ALA A 35 15.58 15.00 1.75
CA ALA A 35 15.10 13.94 0.86
C ALA A 35 14.95 12.62 1.60
N ILE A 36 14.02 11.81 1.10
CA ILE A 36 13.76 10.50 1.64
C ILE A 36 14.21 9.46 0.62
N ASN A 37 14.98 8.48 1.08
CA ASN A 37 15.43 7.39 0.21
C ASN A 37 14.33 6.33 0.08
N LEU A 38 13.72 6.25 -1.09
CA LEU A 38 12.58 5.37 -1.27
C LEU A 38 12.95 3.90 -1.12
N ALA A 39 14.21 3.54 -1.36
CA ALA A 39 14.60 2.14 -1.24
C ALA A 39 14.37 1.58 0.15
N ASP A 40 14.31 2.46 1.15
CA ASP A 40 14.08 2.03 2.51
C ASP A 40 12.62 2.08 2.93
N VAL A 41 11.73 2.52 2.05
CA VAL A 41 10.33 2.67 2.40
C VAL A 41 9.53 1.42 2.02
N LYS A 42 8.68 0.95 2.93
N LYS A 42 8.70 0.96 2.93
CA LYS A 42 7.76 -0.13 2.65
CA LYS A 42 7.76 -0.13 2.66
C LYS A 42 6.34 0.25 3.08
C LYS A 42 6.35 0.35 2.99
N LEU A 43 5.36 -0.28 2.35
CA LEU A 43 3.95 0.00 2.61
C LEU A 43 3.24 -1.31 2.87
N HIS A 44 2.25 -1.32 3.78
CA HIS A 44 1.41 -2.48 3.99
C HIS A 44 -0.08 -2.18 3.76
N TYR A 45 -0.73 -3.16 3.15
CA TYR A 45 -2.19 -3.20 2.98
C TYR A 45 -2.68 -4.52 3.60
N TYR A 46 -3.53 -4.43 4.61
CA TYR A 46 -3.99 -5.57 5.39
C TYR A 46 -5.39 -6.02 4.98
N PHE A 47 -5.58 -7.33 4.89
CA PHE A 47 -6.83 -7.85 4.39
C PHE A 47 -7.05 -9.29 4.87
N THR A 48 -8.26 -9.78 4.65
CA THR A 48 -8.56 -11.20 4.78
C THR A 48 -8.67 -11.78 3.38
N VAL A 49 -7.92 -12.84 3.11
CA VAL A 49 -7.78 -13.36 1.76
C VAL A 49 -9.02 -14.01 1.18
N ASP A 50 -9.90 -14.56 2.04
CA ASP A 50 -11.13 -15.21 1.59
C ASP A 50 -10.83 -16.33 0.60
N GLY A 51 -10.01 -17.28 1.06
CA GLY A 51 -9.55 -18.38 0.23
C GLY A 51 -8.12 -18.11 -0.23
N ASP A 52 -7.17 -18.72 0.44
CA ASP A 52 -5.75 -18.46 0.18
C ASP A 52 -5.38 -19.10 -1.16
N LYS A 53 -4.69 -18.31 -1.98
CA LYS A 53 -4.15 -18.73 -3.27
C LYS A 53 -2.87 -17.93 -3.47
N ALA A 54 -1.99 -18.41 -4.34
N ALA A 54 -2.02 -18.35 -4.39
CA ALA A 54 -0.88 -17.58 -4.81
CA ALA A 54 -0.86 -17.53 -4.73
C ALA A 54 -1.47 -16.25 -5.25
C ALA A 54 -1.28 -16.24 -5.42
N GLN A 55 -0.82 -15.13 -4.89
CA GLN A 55 -1.22 -13.81 -5.32
C GLN A 55 -0.07 -13.09 -5.98
N THR A 56 -0.43 -12.17 -6.87
CA THR A 56 0.53 -11.33 -7.58
C THR A 56 0.10 -9.87 -7.43
N PHE A 57 1.07 -9.02 -7.16
CA PHE A 57 0.93 -7.57 -7.20
C PHE A 57 1.56 -7.02 -8.47
N TRP A 58 0.85 -6.08 -9.09
CA TRP A 58 1.38 -5.31 -10.19
C TRP A 58 1.30 -3.84 -9.83
N CYS A 59 2.39 -3.11 -10.03
CA CYS A 59 2.32 -1.65 -10.02
C CYS A 59 2.08 -1.22 -11.45
N ASP A 60 0.94 -0.61 -11.70
CA ASP A 60 0.61 -0.15 -13.04
C ASP A 60 1.24 1.20 -13.32
N TRP A 61 1.40 2.03 -12.31
N TRP A 61 1.32 2.06 -12.31
CA TRP A 61 1.95 3.35 -12.53
CA TRP A 61 1.89 3.39 -12.47
C TRP A 61 2.49 3.92 -11.23
C TRP A 61 2.52 3.87 -11.17
N SER A 62 3.68 4.48 -11.33
CA SER A 62 4.21 5.39 -10.34
C SER A 62 5.21 6.30 -11.05
N PRO A 63 5.29 7.58 -10.65
CA PRO A 63 6.31 8.44 -11.24
C PRO A 63 7.74 7.89 -11.11
N VAL A 64 8.01 7.07 -10.11
CA VAL A 64 9.36 6.55 -9.92
C VAL A 64 9.69 5.42 -10.87
N GLY A 65 8.71 4.98 -11.67
CA GLY A 65 8.88 3.88 -12.60
C GLY A 65 8.25 2.64 -12.02
N SER A 66 7.18 2.18 -12.64
CA SER A 66 6.41 1.08 -12.07
C SER A 66 7.24 -0.18 -11.86
N SER A 67 8.25 -0.42 -12.70
CA SER A 67 9.08 -1.61 -12.53
C SER A 67 9.93 -1.58 -11.26
N ASN A 68 10.05 -0.39 -10.65
CA ASN A 68 10.79 -0.24 -9.41
C ASN A 68 9.94 -0.47 -8.17
N VAL A 69 8.67 -0.80 -8.34
CA VAL A 69 7.73 -0.98 -7.25
C VAL A 69 7.22 -2.41 -7.30
N THR A 70 7.48 -3.18 -6.25
CA THR A 70 7.10 -4.59 -6.23
C THR A 70 6.38 -4.93 -4.94
N GLY A 71 5.66 -6.06 -4.96
CA GLY A 71 4.86 -6.47 -3.84
C GLY A 71 5.03 -7.93 -3.54
N THR A 72 4.93 -8.25 -2.25
CA THR A 72 4.90 -9.62 -1.76
C THR A 72 3.79 -9.74 -0.73
N PHE A 73 3.43 -10.98 -0.43
CA PHE A 73 2.31 -11.27 0.49
C PHE A 73 2.83 -12.05 1.67
N VAL A 74 2.38 -11.66 2.86
CA VAL A 74 2.84 -12.24 4.11
C VAL A 74 1.61 -12.58 4.93
N LYS A 75 1.64 -13.70 5.67
CA LYS A 75 0.55 -14.03 6.57
C LYS A 75 0.68 -13.26 7.88
N MET A 76 -0.45 -12.79 8.39
CA MET A 76 -0.53 -12.30 9.75
C MET A 76 -0.38 -13.45 10.70
N ASN A 77 0.33 -13.23 11.80
N ASN A 77 0.23 -13.20 11.84
CA ASN A 77 0.51 -14.27 12.83
CA ASN A 77 0.39 -14.29 12.77
C ASN A 77 0.58 -13.65 14.20
C ASN A 77 0.61 -13.75 14.18
N PRO A 78 -0.43 -13.82 15.04
CA PRO A 78 -1.71 -14.47 14.77
C PRO A 78 -2.58 -13.63 13.85
N THR A 79 -3.57 -14.26 13.26
CA THR A 79 -4.54 -13.49 12.53
C THR A 79 -5.39 -12.64 13.47
N THR A 80 -5.97 -11.57 12.93
CA THR A 80 -6.80 -10.72 13.75
C THR A 80 -7.92 -10.16 12.91
N THR A 81 -8.75 -9.36 13.55
CA THR A 81 -9.90 -8.79 12.88
C THR A 81 -9.48 -8.06 11.62
N GLY A 82 -10.07 -8.46 10.51
CA GLY A 82 -9.83 -7.80 9.25
C GLY A 82 -8.50 -8.09 8.60
N ALA A 83 -7.67 -8.94 9.20
CA ALA A 83 -6.32 -9.12 8.69
C ALA A 83 -5.80 -10.52 8.94
N ASP A 84 -5.80 -11.35 7.88
CA ASP A 84 -5.06 -12.60 7.90
C ASP A 84 -3.83 -12.56 7.00
N GLN A 85 -3.67 -11.51 6.19
CA GLN A 85 -2.50 -11.33 5.34
C GLN A 85 -2.23 -9.85 5.19
N TYR A 86 -1.03 -9.53 4.71
CA TYR A 86 -0.77 -8.22 4.18
C TYR A 86 0.04 -8.29 2.91
N LEU A 87 -0.22 -7.32 2.04
CA LEU A 87 0.64 -6.94 0.94
C LEU A 87 1.72 -6.02 1.48
N GLU A 88 2.97 -6.30 1.14
CA GLU A 88 4.08 -5.41 1.43
C GLU A 88 4.67 -4.90 0.12
N ILE A 89 4.62 -3.59 -0.08
CA ILE A 89 5.17 -2.93 -1.25
C ILE A 89 6.54 -2.38 -0.90
N ALA A 90 7.50 -2.60 -1.81
CA ALA A 90 8.87 -2.13 -1.69
C ALA A 90 9.29 -1.40 -2.97
N PHE A 91 10.31 -0.58 -2.82
CA PHE A 91 10.90 0.22 -3.89
C PHE A 91 12.35 -0.19 -4.09
N SER A 92 12.78 -0.32 -5.34
CA SER A 92 14.17 -0.58 -5.63
C SER A 92 15.02 0.69 -5.52
N SER A 93 16.34 0.52 -5.54
N SER A 93 16.34 0.52 -5.53
CA SER A 93 17.24 1.68 -5.51
CA SER A 93 17.24 1.68 -5.53
C SER A 93 17.06 2.61 -6.73
C SER A 93 16.95 2.63 -6.69
N ALA A 94 16.60 2.08 -7.85
CA ALA A 94 16.37 2.89 -9.03
C ALA A 94 15.17 3.83 -8.89
N ALA A 95 14.30 3.57 -7.91
CA ALA A 95 13.22 4.50 -7.63
C ALA A 95 13.74 5.87 -7.17
N GLY A 96 14.96 5.92 -6.66
CA GLY A 96 15.56 7.19 -6.27
C GLY A 96 15.02 7.76 -4.98
N THR A 97 15.06 9.09 -4.91
CA THR A 97 14.67 9.81 -3.70
C THR A 97 13.41 10.61 -3.91
N LEU A 98 12.73 10.86 -2.81
CA LEU A 98 11.55 11.70 -2.79
C LEU A 98 11.96 13.05 -2.20
N ALA A 99 11.93 14.08 -3.04
CA ALA A 99 12.40 15.40 -2.67
C ALA A 99 11.52 16.05 -1.64
N ALA A 100 12.10 16.97 -0.89
CA ALA A 100 11.36 17.76 0.07
C ALA A 100 10.10 18.36 -0.55
N ASN A 101 9.01 18.30 0.18
N ASN A 101 9.01 18.32 0.19
CA ASN A 101 7.78 18.96 -0.24
CA ASN A 101 7.75 18.96 -0.19
C ASN A 101 7.39 18.51 -1.64
C ASN A 101 7.19 18.46 -1.53
N THR A 102 7.49 17.20 -1.87
CA THR A 102 6.97 16.61 -3.11
C THR A 102 6.25 15.32 -2.80
N SER A 103 5.42 14.89 -3.74
N SER A 103 5.37 14.93 -3.73
CA SER A 103 4.67 13.67 -3.56
CA SER A 103 4.57 13.73 -3.59
C SER A 103 4.71 12.80 -4.80
C SER A 103 4.75 12.81 -4.79
N ILE A 104 4.51 11.52 -4.57
CA ILE A 104 4.38 10.55 -5.64
C ILE A 104 3.18 9.65 -5.37
N GLU A 105 2.55 9.20 -6.44
CA GLU A 105 1.51 8.19 -6.37
C GLU A 105 2.10 6.81 -6.64
N VAL A 106 1.48 5.79 -6.04
CA VAL A 106 1.79 4.39 -6.30
C VAL A 106 0.45 3.69 -6.52
N GLN A 107 0.22 3.25 -7.75
CA GLN A 107 -1.08 2.69 -8.15
C GLN A 107 -0.87 1.25 -8.59
N GLY A 108 -1.45 0.33 -7.80
N GLY A 108 -1.70 0.33 -8.14
CA GLY A 108 -1.28 -1.09 -8.03
CA GLY A 108 -1.55 -1.01 -8.66
C GLY A 108 -2.57 -1.92 -8.00
C GLY A 108 -2.66 -1.83 -8.10
N ARG A 109 -2.52 -3.16 -8.52
N ARG A 109 -2.38 -3.10 -7.96
CA ARG A 109 -3.59 -4.14 -8.32
CA ARG A 109 -3.43 -4.07 -8.13
C ARG A 109 -2.95 -5.39 -7.76
C ARG A 109 -2.92 -5.43 -7.76
N PHE A 110 -3.77 -6.23 -7.13
CA PHE A 110 -3.39 -7.61 -6.88
C PHE A 110 -4.57 -8.54 -7.03
N ALA A 111 -4.25 -9.80 -7.34
CA ALA A 111 -5.24 -10.82 -7.63
C ALA A 111 -4.66 -12.19 -7.31
N LYS A 112 -5.55 -13.17 -7.23
CA LYS A 112 -5.19 -14.57 -7.02
C LYS A 112 -4.87 -15.24 -8.35
N SER A 113 -4.08 -16.30 -8.28
CA SER A 113 -3.61 -16.99 -9.48
C SER A 113 -4.73 -17.55 -10.32
N ASP A 114 -5.85 -17.94 -9.69
CA ASP A 114 -7.00 -18.49 -10.36
C ASP A 114 -8.12 -17.46 -10.54
N TRP A 115 -7.84 -16.19 -10.21
CA TRP A 115 -8.78 -15.09 -10.42
C TRP A 115 -10.08 -15.26 -9.65
N THR A 116 -10.04 -16.03 -8.57
CA THR A 116 -11.20 -16.16 -7.71
C THR A 116 -11.37 -14.94 -6.80
N ASN A 117 -12.55 -14.79 -6.21
CA ASN A 117 -12.91 -13.56 -5.56
C ASN A 117 -12.37 -13.37 -4.16
N TYR A 118 -12.20 -12.09 -3.83
CA TYR A 118 -12.05 -11.56 -2.50
C TYR A 118 -13.40 -11.01 -2.01
N ASN A 119 -13.58 -10.90 -0.69
CA ASN A 119 -14.59 -10.03 -0.07
C ASN A 119 -13.86 -8.83 0.52
N GLN A 120 -13.94 -7.68 -0.14
CA GLN A 120 -13.22 -6.51 0.34
C GLN A 120 -13.80 -5.95 1.62
N ALA A 121 -15.08 -6.19 1.87
CA ALA A 121 -15.80 -5.44 2.89
C ALA A 121 -15.23 -5.62 4.29
N ASP A 122 -14.66 -6.79 4.58
CA ASP A 122 -14.10 -7.06 5.89
C ASP A 122 -12.62 -6.74 6.03
N ASP A 123 -11.99 -6.17 5.01
CA ASP A 123 -10.56 -5.98 5.06
C ASP A 123 -10.18 -4.78 5.91
N TYR A 124 -9.20 -4.96 6.78
CA TYR A 124 -8.74 -3.91 7.69
C TYR A 124 -8.41 -2.61 6.94
N SER A 125 -7.72 -2.71 5.82
CA SER A 125 -7.26 -1.53 5.11
C SER A 125 -8.25 -0.96 4.07
N PHE A 126 -9.34 -1.67 3.80
CA PHE A 126 -10.25 -1.25 2.73
C PHE A 126 -11.04 -0.01 3.11
N ASN A 127 -11.11 0.94 2.18
CA ASN A 127 -11.90 2.13 2.33
C ASN A 127 -13.04 2.06 1.31
N SER A 128 -14.24 1.80 1.79
CA SER A 128 -15.37 1.59 0.89
C SER A 128 -15.91 2.92 0.29
N SER A 129 -15.51 4.05 0.90
N SER A 129 -15.48 4.05 0.83
CA SER A 129 -16.09 5.38 0.66
CA SER A 129 -16.14 5.34 0.59
C SER A 129 -15.26 6.25 -0.26
C SER A 129 -15.29 6.41 -0.12
N ALA A 130 -13.99 6.39 0.10
CA ALA A 130 -13.17 7.43 -0.47
C ALA A 130 -13.08 7.29 -1.96
N THR A 131 -13.16 8.43 -2.65
CA THR A 131 -13.02 8.46 -4.09
C THR A 131 -11.75 9.23 -4.50
N THR A 132 -11.02 9.74 -3.50
CA THR A 132 -9.83 10.57 -3.66
C THR A 132 -8.90 10.16 -2.54
N TYR A 133 -7.63 10.52 -2.68
CA TYR A 133 -6.67 10.32 -1.61
C TYR A 133 -7.14 10.93 -0.30
N THR A 134 -6.96 10.15 0.76
N THR A 134 -7.15 10.11 0.76
CA THR A 134 -7.37 10.54 2.09
CA THR A 134 -7.55 10.56 2.10
C THR A 134 -6.36 10.02 3.11
C THR A 134 -6.49 10.13 3.09
N SER A 135 -6.15 10.79 4.17
N SER A 135 -6.29 10.88 4.19
CA SER A 135 -5.22 10.37 5.20
CA SER A 135 -5.37 10.43 5.24
C SER A 135 -5.83 9.19 5.97
C SER A 135 -5.96 9.10 5.68
N TRP A 136 -5.14 8.07 5.86
CA TRP A 136 -5.71 6.78 6.19
C TRP A 136 -4.75 6.03 7.08
N ASP A 137 -5.13 5.84 8.34
CA ASP A 137 -4.25 5.19 9.31
C ASP A 137 -4.40 3.68 9.33
N LYS A 138 -5.18 3.12 8.41
CA LYS A 138 -5.40 1.68 8.34
C LYS A 138 -4.51 1.02 7.29
N VAL A 139 -3.68 1.81 6.60
CA VAL A 139 -2.49 1.31 5.91
C VAL A 139 -1.28 1.79 6.70
N THR A 140 -0.18 1.07 6.59
CA THR A 140 1.03 1.44 7.31
C THR A 140 2.19 1.67 6.37
N ALA A 141 3.16 2.44 6.83
CA ALA A 141 4.41 2.62 6.10
C ALA A 141 5.56 2.53 7.07
N TYR A 142 6.73 2.21 6.51
CA TYR A 142 7.95 1.90 7.23
C TYR A 142 9.12 2.57 6.55
N SER A 143 10.13 2.92 7.35
CA SER A 143 11.44 3.28 6.87
C SER A 143 12.42 2.21 7.35
N ALA A 144 13.72 2.46 7.21
CA ALA A 144 14.70 1.60 7.85
C ALA A 144 14.53 1.55 9.36
N GLU A 145 13.91 2.57 9.94
CA GLU A 145 13.67 2.62 11.38
C GLU A 145 12.50 1.77 11.82
N GLY A 146 11.72 1.26 10.90
CA GLY A 146 10.50 0.58 11.30
C GLY A 146 9.29 1.41 10.97
N LEU A 147 8.23 1.22 11.74
CA LEU A 147 6.95 1.86 11.46
C LEU A 147 7.09 3.38 11.52
N ILE A 148 6.52 4.06 10.51
CA ILE A 148 6.50 5.52 10.47
C ILE A 148 5.10 6.09 10.17
N TRP A 149 4.10 5.25 9.93
CA TRP A 149 2.76 5.76 9.62
C TRP A 149 1.75 4.68 9.91
N GLY A 150 0.67 5.03 10.58
CA GLY A 150 -0.50 4.18 10.68
C GLY A 150 -0.51 3.26 11.89
N ILE A 151 -1.56 2.44 11.93
CA ILE A 151 -1.83 1.55 13.05
C ILE A 151 -1.81 0.11 12.51
N GLU A 152 -0.88 -0.69 12.99
CA GLU A 152 -0.83 -2.10 12.66
C GLU A 152 -1.98 -2.82 13.35
N PRO A 153 -2.61 -3.79 12.67
CA PRO A 153 -3.69 -4.54 13.32
C PRO A 153 -3.21 -5.30 14.54
CA CA B . -11.56 -10.06 2.78
C1 EDO C . 3.81 -6.53 10.74
C1 EDO C . 3.87 -6.60 10.85
O1 EDO C . 4.30 -5.34 10.13
O1 EDO C . 4.09 -6.56 12.26
C2 EDO C . 2.32 -6.67 10.47
C2 EDO C . 2.39 -6.83 10.59
O2 EDO C . 1.62 -5.53 10.99
O2 EDO C . 1.65 -5.68 11.06
H11 EDO C . 3.98 -6.49 11.82
H11 EDO C . 4.45 -7.41 10.40
H12 EDO C . 4.33 -7.39 10.34
H12 EDO C . 4.19 -5.66 10.40
HO1 EDO C . 5.25 -5.26 10.31
HO1 EDO C . 5.03 -6.42 12.43
H21 EDO C . 1.95 -7.58 10.96
H21 EDO C . 2.06 -7.72 11.12
H22 EDO C . 2.14 -6.75 9.41
H22 EDO C . 2.22 -6.97 9.53
HO2 EDO C . 0.67 -5.63 10.82
HO2 EDO C . 0.72 -5.82 10.90
NI NI D . 12.81 12.74 12.24
OH2 1PE E . 13.21 -3.80 8.06
C12 1PE E . 13.03 -2.46 7.67
C22 1PE E . 11.76 -2.02 8.46
OH3 1PE E . 10.68 -2.63 7.80
C13 1PE E . 8.64 -3.81 7.79
C23 1PE E . 9.90 -3.43 8.64
OH4 1PE E . 7.91 -4.73 8.59
C14 1PE E . 7.91 -6.96 9.33
C24 1PE E . 8.73 -5.67 9.22
OH5 1PE E . 8.91 -7.93 9.51
C15 1PE E . 9.57 -10.11 8.99
C25 1PE E . 8.44 -9.25 9.63
OH6 1PE E . 9.31 -10.09 7.59
C16 1PE E . 8.83 -11.38 5.65
C26 1PE E . 8.66 -11.29 7.18
OH7 1PE E . 8.41 -10.14 5.15
HO2 1PE E . 13.90 -4.16 7.50
H121 1PE E . 12.87 -2.35 6.58
H122 1PE E . 13.89 -1.82 7.92
H221 1PE E . 11.67 -0.91 8.45
H222 1PE E . 11.83 -2.30 9.53
H131 1PE E . 8.95 -4.25 6.81
H132 1PE E . 8.06 -2.90 7.53
H231 1PE E . 9.60 -2.89 9.57
H232 1PE E . 10.43 -4.34 8.99
H141 1PE E . 7.32 -7.13 8.40
H142 1PE E . 7.19 -6.93 10.17
H241 1PE E . 9.66 -5.85 8.63
H242 1PE E . 9.08 -5.31 10.22
H151 1PE E . 10.58 -9.74 9.24
H152 1PE E . 9.51 -11.16 9.38
H251 1PE E . 8.29 -9.53 10.69
H252 1PE E . 7.46 -9.42 9.12
H161 1PE E . 8.26 -12.25 5.24
H162 1PE E . 9.90 -11.58 5.39
H261 1PE E . 9.09 -12.17 7.69
H262 1PE E . 7.58 -11.27 7.47
HO7 1PE E . 8.26 -10.25 4.22
#